data_3CHO
#
_entry.id   3CHO
#
_cell.length_a   78.312
_cell.length_b   87.124
_cell.length_c   99.364
_cell.angle_alpha   90.00
_cell.angle_beta   90.00
_cell.angle_gamma   90.00
#
_symmetry.space_group_name_H-M   'P 21 21 21'
#
loop_
_entity.id
_entity.type
_entity.pdbx_description
1 polymer 'Leukotriene A-4 hydrolase'
2 non-polymer 'ZINC ION'
3 non-polymer 'YTTERBIUM (III) ION'
4 non-polymer 'ACETATE ION'
5 non-polymer N-[4-(benzyloxy)phenyl]glycinamide
6 water water
#
_entity_poly.entity_id   1
_entity_poly.type   'polypeptide(L)'
_entity_poly.pdbx_seq_one_letter_code
;PEIVDTCSLASPASVCRTKHLHLRCSVDFTRRTLTGTAALTVQSQEDNLRSLVLDTKDLTIEKVVINGQEVKYALGERQS
YKGSPMEISLPIALSKNQEIVIEISFETSPKSSALQWLTPEQTSGKEHPYLFSQCQAIHCRAILPCQDTPSVKLTYTAEV
SVPKELVALMSAIRDGETPDPEDPSRKIYKFIQKVPIPCYLIALVVGALESRQIGPRTLVWSEKEQVEKSAYEFSETESM
LKIAEDLGGPYVWGQYDLLVLPPSFPYGGMENPCLTFVTPTLLAGDKSLSNVIAHEISHSWTGNLVTNKTWDHFWLNEGH
TVYLERHICGRLFGEKFRHFNALGGWGELQNSVKTFGETHPFTKLVVDLTDIDPDVAYSSVPYEKGFALLFYLEQLLGGP
EIFLGFLKAYVEKFSYKSITTDDWKDFLYSYFKDKVDVLNQVDWNAWLYSPGLPPIKPNYDMTLTNACIALSQRWITAKE
DDLNSFNATDLKDLSSHQLNEFLAQTLQRAPLPLGHIKRMQEVYNFNAINNSEIRFRWLRLCIQSKWEDAIPLALKMATE
QGRMKFTRPLFKDLAAFDKSHDQAVRTYQEHKASMHPVTAMLVGKDLKVD
;
_entity_poly.pdbx_strand_id   A
#
loop_
_chem_comp.id
_chem_comp.type
_chem_comp.name
_chem_comp.formula
4BG non-polymer N-[4-(benzyloxy)phenyl]glycinamide 'C15 H16 N2 O2'
ACT non-polymer 'ACETATE ION' 'C2 H3 O2 -1'
YB non-polymer 'YTTERBIUM (III) ION' 'Yb 3'
ZN non-polymer 'ZINC ION' 'Zn 2'
#
# COMPACT_ATOMS: atom_id res chain seq x y z
N PRO A 1 30.05 -7.79 5.54
CA PRO A 1 29.22 -6.97 4.67
C PRO A 1 27.73 -7.27 4.83
N GLU A 2 27.34 -7.66 6.04
CA GLU A 2 25.96 -8.06 6.30
C GLU A 2 25.08 -6.85 6.64
N ILE A 3 23.81 -6.92 6.28
CA ILE A 3 22.89 -5.81 6.49
C ILE A 3 21.99 -6.04 7.70
N VAL A 4 21.60 -4.96 8.35
CA VAL A 4 20.73 -5.04 9.51
C VAL A 4 19.42 -4.29 9.28
N ASP A 5 18.31 -4.89 9.67
CA ASP A 5 17.01 -4.25 9.53
C ASP A 5 16.63 -3.55 10.84
N THR A 6 16.73 -2.22 10.83
CA THR A 6 16.58 -1.44 12.04
C THR A 6 15.12 -1.31 12.48
N CYS A 7 14.20 -1.89 11.71
CA CYS A 7 12.79 -1.89 12.08
C CYS A 7 12.37 -3.18 12.78
N SER A 8 13.27 -4.17 12.78
CA SER A 8 12.97 -5.48 13.37
C SER A 8 13.81 -5.77 14.60
N LEU A 9 13.21 -6.43 15.58
CA LEU A 9 13.90 -6.82 16.81
C LEU A 9 14.28 -8.30 16.78
N ALA A 10 13.93 -8.98 15.69
CA ALA A 10 14.19 -10.40 15.54
C ALA A 10 15.65 -10.69 15.16
N SER A 11 16.06 -11.95 15.29
CA SER A 11 17.35 -12.38 14.77
C SER A 11 17.40 -12.10 13.28
N PRO A 12 18.52 -11.56 12.79
CA PRO A 12 18.71 -11.28 11.36
C PRO A 12 18.84 -12.55 10.54
N ALA A 13 18.75 -12.40 9.22
CA ALA A 13 18.87 -13.51 8.28
C ALA A 13 20.25 -14.16 8.36
N SER A 14 21.25 -13.41 8.83
CA SER A 14 22.60 -13.95 8.96
C SER A 14 22.70 -14.96 10.10
N VAL A 15 21.72 -14.94 10.99
CA VAL A 15 21.69 -15.83 12.15
C VAL A 15 20.79 -17.04 11.92
N CYS A 16 19.56 -16.79 11.50
CA CYS A 16 18.66 -17.87 11.12
C CYS A 16 17.61 -17.34 10.15
N ARG A 17 16.94 -18.24 9.46
CA ARG A 17 15.97 -17.84 8.46
C ARG A 17 14.74 -18.73 8.50
N THR A 18 13.57 -18.10 8.61
CA THR A 18 12.31 -18.82 8.53
C THR A 18 12.09 -19.30 7.10
N LYS A 19 11.80 -20.59 6.97
CA LYS A 19 11.61 -21.20 5.65
C LYS A 19 10.13 -21.40 5.36
N HIS A 20 9.35 -21.65 6.41
CA HIS A 20 7.93 -21.96 6.23
C HIS A 20 7.13 -21.61 7.48
N LEU A 21 5.89 -21.16 7.26
CA LEU A 21 4.94 -20.97 8.35
C LEU A 21 3.74 -21.87 8.10
N HIS A 22 3.39 -22.67 9.11
CA HIS A 22 2.08 -23.30 9.10
C HIS A 22 1.22 -22.69 10.19
N LEU A 23 0.21 -21.94 9.77
CA LEU A 23 -0.66 -21.24 10.70
C LEU A 23 -1.96 -22.01 10.88
N ARG A 24 -2.31 -22.28 12.13
CA ARG A 24 -3.63 -22.81 12.44
C ARG A 24 -4.25 -21.86 13.44
N CYS A 25 -5.33 -21.19 13.05
CA CYS A 25 -5.93 -20.19 13.93
C CYS A 25 -7.45 -20.16 13.86
N SER A 26 -8.06 -19.52 14.85
CA SER A 26 -9.50 -19.36 14.87
C SER A 26 -9.81 -17.88 15.07
N VAL A 27 -10.76 -17.37 14.31
CA VAL A 27 -11.11 -15.95 14.37
C VAL A 27 -12.30 -15.77 15.30
N ASP A 28 -12.08 -15.13 16.44
CA ASP A 28 -13.13 -14.97 17.44
C ASP A 28 -13.66 -13.54 17.42
N PHE A 29 -14.82 -13.35 16.81
CA PHE A 29 -15.39 -12.02 16.65
C PHE A 29 -15.95 -11.50 17.97
N THR A 30 -16.28 -12.41 18.89
CA THR A 30 -16.83 -11.99 20.17
C THR A 30 -15.74 -11.32 21.00
N ARG A 31 -14.53 -11.85 20.92
CA ARG A 31 -13.40 -11.32 21.69
C ARG A 31 -12.48 -10.44 20.84
N ARG A 32 -12.74 -10.40 19.53
CA ARG A 32 -11.86 -9.70 18.60
C ARG A 32 -10.42 -10.16 18.76
N THR A 33 -10.23 -11.48 18.76
CA THR A 33 -8.90 -12.05 18.81
C THR A 33 -8.73 -13.12 17.75
N LEU A 34 -7.50 -13.27 17.27
CA LEU A 34 -7.11 -14.44 16.49
C LEU A 34 -6.31 -15.33 17.44
N THR A 35 -6.71 -16.59 17.55
CA THR A 35 -6.07 -17.52 18.47
C THR A 35 -5.61 -18.75 17.71
N GLY A 36 -4.40 -19.22 18.01
CA GLY A 36 -3.95 -20.45 17.39
C GLY A 36 -2.48 -20.72 17.56
N THR A 37 -1.91 -21.41 16.58
CA THR A 37 -0.50 -21.78 16.61
C THR A 37 0.19 -21.38 15.32
N ALA A 38 1.38 -20.82 15.45
CA ALA A 38 2.25 -20.56 14.32
C ALA A 38 3.43 -21.51 14.43
N ALA A 39 3.52 -22.45 13.49
CA ALA A 39 4.66 -23.36 13.45
C ALA A 39 5.65 -22.85 12.42
N LEU A 40 6.80 -22.38 12.89
CA LEU A 40 7.81 -21.83 12.02
C LEU A 40 8.90 -22.86 11.79
N THR A 41 9.15 -23.18 10.51
CA THR A 41 10.28 -24.02 10.15
C THR A 41 11.48 -23.08 9.97
N VAL A 42 12.46 -23.20 10.86
CA VAL A 42 13.57 -22.26 10.87
C VAL A 42 14.89 -22.96 10.59
N GLN A 43 15.72 -22.33 9.77
CA GLN A 43 17.02 -22.89 9.42
C GLN A 43 18.15 -22.06 10.01
N SER A 44 18.99 -22.70 10.80
CA SER A 44 20.14 -22.01 11.39
C SER A 44 21.13 -21.59 10.30
N GLN A 45 21.68 -20.40 10.44
CA GLN A 45 22.72 -19.92 9.53
C GLN A 45 24.06 -19.88 10.25
N GLU A 46 24.07 -20.37 11.48
CA GLU A 46 25.24 -20.29 12.34
C GLU A 46 25.54 -21.65 12.98
N ASP A 47 26.81 -21.87 13.33
CA ASP A 47 27.16 -23.01 14.15
C ASP A 47 26.74 -22.77 15.60
N ASN A 48 26.36 -23.84 16.28
CA ASN A 48 26.09 -23.82 17.71
C ASN A 48 25.03 -22.79 18.10
N LEU A 49 23.95 -22.71 17.32
CA LEU A 49 22.88 -21.76 17.61
C LEU A 49 22.01 -22.28 18.74
N ARG A 50 21.88 -21.49 19.82
CA ARG A 50 21.17 -21.97 21.00
C ARG A 50 19.96 -21.13 21.37
N SER A 51 19.81 -19.97 20.74
CA SER A 51 18.63 -19.15 20.95
C SER A 51 18.34 -18.31 19.71
N LEU A 52 17.13 -17.78 19.66
CA LEU A 52 16.79 -16.85 18.60
C LEU A 52 15.67 -15.94 19.07
N VAL A 53 15.52 -14.81 18.40
CA VAL A 53 14.56 -13.81 18.80
C VAL A 53 13.57 -13.58 17.67
N LEU A 54 12.30 -13.42 18.03
CA LEU A 54 11.25 -13.13 17.06
C LEU A 54 10.59 -11.79 17.41
N ASP A 55 10.00 -11.15 16.40
CA ASP A 55 9.18 -9.96 16.62
C ASP A 55 7.80 -10.34 17.11
N THR A 56 7.28 -9.57 18.06
CA THR A 56 5.88 -9.69 18.46
C THR A 56 5.37 -8.29 18.76
N LYS A 57 4.05 -8.11 18.70
CA LYS A 57 3.47 -6.84 19.08
C LYS A 57 2.08 -7.06 19.67
N ASP A 58 1.94 -6.77 20.96
CA ASP A 58 0.68 -6.94 21.66
C ASP A 58 0.14 -8.36 21.49
N LEU A 59 1.05 -9.33 21.45
CA LEU A 59 0.66 -10.74 21.38
C LEU A 59 0.69 -11.36 22.77
N THR A 60 -0.25 -12.26 23.03
CA THR A 60 -0.22 -13.07 24.24
C THR A 60 0.30 -14.46 23.91
N ILE A 61 1.44 -14.83 24.49
CA ILE A 61 2.04 -16.13 24.23
C ILE A 61 1.65 -17.11 25.32
N GLU A 62 1.07 -18.24 24.92
CA GLU A 62 0.73 -19.31 25.84
C GLU A 62 1.91 -20.22 26.10
N LYS A 63 2.50 -20.73 25.03
CA LYS A 63 3.62 -21.66 25.13
C LYS A 63 4.39 -21.77 23.82
N VAL A 64 5.63 -22.24 23.92
CA VAL A 64 6.46 -22.54 22.75
C VAL A 64 6.89 -23.99 22.81
N VAL A 65 6.62 -24.74 21.74
CA VAL A 65 6.92 -26.17 21.74
C VAL A 65 7.87 -26.57 20.62
N ILE A 66 8.91 -27.30 20.99
CA ILE A 66 9.86 -27.86 20.03
C ILE A 66 10.13 -29.30 20.41
N ASN A 67 10.15 -30.19 19.41
CA ASN A 67 10.39 -31.61 19.67
C ASN A 67 9.31 -32.19 20.60
N GLY A 68 8.15 -31.55 20.62
CA GLY A 68 7.04 -32.08 21.40
C GLY A 68 7.06 -31.70 22.86
N GLN A 69 8.03 -30.88 23.26
CA GLN A 69 8.11 -30.41 24.63
C GLN A 69 8.14 -28.88 24.70
N GLU A 70 7.61 -28.32 25.77
CA GLU A 70 7.62 -26.87 25.97
C GLU A 70 9.02 -26.38 26.30
N VAL A 71 9.39 -25.24 25.73
CA VAL A 71 10.72 -24.68 25.93
C VAL A 71 10.62 -23.31 26.59
N LYS A 72 11.75 -22.83 27.12
CA LYS A 72 11.77 -21.54 27.78
C LYS A 72 11.77 -20.41 26.76
N TYR A 73 11.08 -19.33 27.08
CA TYR A 73 11.11 -18.13 26.24
C TYR A 73 10.92 -16.90 27.13
N ALA A 74 11.29 -15.74 26.62
CA ALA A 74 11.15 -14.50 27.38
C ALA A 74 10.77 -13.34 26.48
N LEU A 75 9.76 -12.58 26.88
CA LEU A 75 9.37 -11.37 26.17
C LEU A 75 10.08 -10.16 26.77
N GLY A 76 10.78 -9.42 25.93
CA GLY A 76 11.48 -8.23 26.39
C GLY A 76 10.52 -7.06 26.54
N GLU A 77 11.01 -5.96 27.10
CA GLU A 77 10.18 -4.78 27.28
C GLU A 77 9.78 -4.21 25.92
N ARG A 78 8.61 -3.59 25.86
CA ARG A 78 8.10 -3.04 24.62
C ARG A 78 8.97 -1.88 24.16
N GLN A 79 9.28 -1.86 22.87
CA GLN A 79 10.03 -0.75 22.29
C GLN A 79 9.15 0.02 21.32
N SER A 80 8.13 0.67 21.87
CA SER A 80 7.23 1.52 21.10
C SER A 80 6.56 0.76 19.95
N TYR A 81 6.62 1.33 18.76
CA TYR A 81 5.94 0.79 17.60
C TYR A 81 6.55 -0.53 17.11
N LYS A 82 7.77 -0.83 17.56
CA LYS A 82 8.46 -2.04 17.14
C LYS A 82 7.93 -3.27 17.87
N GLY A 83 7.30 -3.04 19.02
CA GLY A 83 6.74 -4.16 19.77
C GLY A 83 7.72 -4.72 20.78
N SER A 84 7.53 -5.99 21.13
CA SER A 84 8.39 -6.63 22.13
C SER A 84 9.13 -7.82 21.54
N PRO A 85 10.45 -7.89 21.75
CA PRO A 85 11.27 -9.02 21.30
C PRO A 85 10.98 -10.29 22.10
N MET A 86 10.88 -11.41 21.39
CA MET A 86 10.60 -12.68 22.03
C MET A 86 11.77 -13.64 21.84
N GLU A 87 12.57 -13.81 22.90
CA GLU A 87 13.73 -14.68 22.83
C GLU A 87 13.33 -16.12 23.18
N ILE A 88 13.77 -17.07 22.36
CA ILE A 88 13.41 -18.46 22.54
C ILE A 88 14.66 -19.29 22.78
N SER A 89 14.67 -20.08 23.86
CA SER A 89 15.81 -20.92 24.18
C SER A 89 15.65 -22.29 23.54
N LEU A 90 16.52 -22.60 22.59
CA LEU A 90 16.42 -23.87 21.87
C LEU A 90 16.87 -25.02 22.78
N PRO A 91 16.17 -26.17 22.70
CA PRO A 91 16.49 -27.32 23.56
C PRO A 91 17.81 -27.99 23.18
N ILE A 92 18.15 -27.92 21.90
CA ILE A 92 19.39 -28.53 21.41
C ILE A 92 20.08 -27.54 20.48
N ALA A 93 21.37 -27.33 20.69
CA ALA A 93 22.14 -26.40 19.85
C ALA A 93 22.15 -26.89 18.39
N LEU A 94 21.98 -25.96 17.46
CA LEU A 94 21.86 -26.30 16.04
C LEU A 94 23.16 -26.04 15.27
N SER A 95 23.48 -26.92 14.32
CA SER A 95 24.58 -26.69 13.41
C SER A 95 24.13 -25.85 12.23
N LYS A 96 25.07 -25.32 11.45
CA LYS A 96 24.70 -24.48 10.33
C LYS A 96 23.86 -25.26 9.31
N ASN A 97 22.77 -24.64 8.89
CA ASN A 97 21.85 -25.20 7.89
C ASN A 97 20.87 -26.22 8.45
N GLN A 98 21.00 -26.55 9.73
CA GLN A 98 20.02 -27.46 10.35
C GLN A 98 18.68 -26.74 10.51
N GLU A 99 17.60 -27.46 10.24
CA GLU A 99 16.25 -26.90 10.34
C GLU A 99 15.46 -27.60 11.44
N ILE A 100 14.68 -26.82 12.18
CA ILE A 100 13.73 -27.40 13.12
C ILE A 100 12.40 -26.68 13.03
N VAL A 101 11.38 -27.23 13.67
CA VAL A 101 10.08 -26.58 13.72
C VAL A 101 9.77 -26.08 15.12
N ILE A 102 9.40 -24.81 15.20
CA ILE A 102 9.04 -24.17 16.47
C ILE A 102 7.56 -23.80 16.43
N GLU A 103 6.78 -24.40 17.33
CA GLU A 103 5.34 -24.18 17.33
C GLU A 103 4.95 -23.26 18.49
N ILE A 104 4.43 -22.08 18.14
CA ILE A 104 4.11 -21.08 19.15
C ILE A 104 2.61 -20.87 19.28
N SER A 105 2.08 -21.05 20.49
CA SER A 105 0.68 -20.80 20.75
C SER A 105 0.49 -19.36 21.20
N PHE A 106 -0.38 -18.64 20.49
CA PHE A 106 -0.50 -17.21 20.67
C PHE A 106 -1.95 -16.76 20.53
N GLU A 107 -2.21 -15.54 20.99
CA GLU A 107 -3.49 -14.89 20.79
C GLU A 107 -3.22 -13.41 20.51
N THR A 108 -3.96 -12.82 19.59
CA THR A 108 -3.77 -11.40 19.30
C THR A 108 -4.58 -10.54 20.26
N SER A 109 -4.21 -9.26 20.33
CA SER A 109 -4.97 -8.27 21.09
C SER A 109 -6.04 -7.64 20.21
N PRO A 110 -7.18 -7.27 20.80
CA PRO A 110 -8.22 -6.56 20.05
C PRO A 110 -7.70 -5.29 19.38
N LYS A 111 -6.60 -4.75 19.92
CA LYS A 111 -6.06 -3.50 19.41
C LYS A 111 -4.90 -3.72 18.43
N SER A 112 -4.72 -4.96 17.99
CA SER A 112 -3.70 -5.30 16.99
C SER A 112 -3.64 -4.25 15.89
N SER A 113 -2.48 -3.64 15.69
CA SER A 113 -2.33 -2.61 14.67
C SER A 113 -2.40 -3.19 13.25
N ALA A 114 -2.38 -4.52 13.15
CA ALA A 114 -2.45 -5.16 11.84
C ALA A 114 -3.90 -5.35 11.39
N LEU A 115 -4.83 -5.26 12.32
CA LEU A 115 -6.20 -5.71 12.05
C LEU A 115 -7.22 -4.59 12.22
N GLN A 116 -8.27 -4.62 11.41
CA GLN A 116 -9.48 -3.90 11.75
C GLN A 116 -10.64 -4.87 11.85
N TRP A 117 -11.32 -4.83 12.99
CA TRP A 117 -12.53 -5.61 13.23
C TRP A 117 -13.71 -4.69 13.00
N LEU A 118 -14.64 -5.09 12.13
CA LEU A 118 -15.80 -4.27 11.80
C LEU A 118 -17.07 -4.89 12.34
N THR A 119 -17.92 -4.08 12.96
CA THR A 119 -19.24 -4.53 13.38
C THR A 119 -20.12 -4.72 12.15
N PRO A 120 -21.24 -5.43 12.29
CA PRO A 120 -22.17 -5.60 11.17
C PRO A 120 -22.64 -4.26 10.59
N GLU A 121 -22.78 -3.26 11.45
CA GLU A 121 -23.25 -1.95 11.03
C GLU A 121 -22.22 -1.27 10.11
N GLN A 122 -20.96 -1.65 10.26
CA GLN A 122 -19.88 -1.07 9.46
C GLN A 122 -19.70 -1.76 8.10
N THR A 123 -20.52 -2.78 7.84
CA THR A 123 -20.43 -3.51 6.58
C THR A 123 -21.57 -3.13 5.63
N SER A 124 -21.53 -3.67 4.41
CA SER A 124 -22.59 -3.42 3.43
C SER A 124 -23.90 -4.14 3.79
N GLY A 125 -23.77 -5.38 4.26
CA GLY A 125 -24.93 -6.22 4.48
C GLY A 125 -25.62 -5.99 5.81
N LYS A 126 -24.87 -5.49 6.78
CA LYS A 126 -25.43 -5.03 8.06
C LYS A 126 -25.82 -6.19 8.98
N GLU A 127 -25.48 -7.41 8.58
CA GLU A 127 -25.86 -8.57 9.37
C GLU A 127 -24.65 -9.28 9.98
N HIS A 128 -23.53 -9.30 9.26
CA HIS A 128 -22.35 -10.01 9.71
C HIS A 128 -21.18 -9.06 9.95
N PRO A 129 -20.29 -9.43 10.89
CA PRO A 129 -19.03 -8.71 11.14
C PRO A 129 -18.03 -8.99 10.04
N TYR A 130 -16.87 -8.35 10.12
CA TYR A 130 -15.90 -8.39 9.03
C TYR A 130 -14.51 -8.13 9.61
N LEU A 131 -13.53 -8.89 9.14
CA LEU A 131 -12.15 -8.70 9.58
C LEU A 131 -11.23 -8.60 8.37
N PHE A 132 -10.31 -7.64 8.39
CA PHE A 132 -9.22 -7.65 7.41
C PHE A 132 -7.88 -7.22 8.01
N SER A 133 -6.80 -7.76 7.44
CA SER A 133 -5.44 -7.44 7.88
C SER A 133 -4.74 -6.48 6.93
N GLN A 134 -3.73 -5.79 7.45
CA GLN A 134 -2.83 -4.98 6.63
C GLN A 134 -1.44 -4.97 7.28
N CYS A 135 -0.57 -5.87 6.83
CA CYS A 135 0.71 -6.09 7.52
C CYS A 135 1.83 -5.14 7.13
N GLN A 136 1.79 -4.59 5.92
CA GLN A 136 2.86 -3.69 5.50
C GLN A 136 2.79 -2.41 6.34
N ALA A 137 3.92 -1.92 6.84
CA ALA A 137 5.22 -2.54 6.62
C ALA A 137 5.57 -3.55 7.69
N ILE A 138 5.36 -3.19 8.96
CA ILE A 138 5.80 -4.05 10.06
C ILE A 138 4.71 -4.37 11.06
N HIS A 139 3.55 -4.78 10.56
CA HIS A 139 2.44 -5.17 11.41
C HIS A 139 2.17 -6.67 11.47
N CYS A 140 2.90 -7.46 10.68
CA CYS A 140 2.71 -8.91 10.78
C CYS A 140 3.01 -9.38 12.20
N ARG A 141 3.96 -8.70 12.86
CA ARG A 141 4.34 -9.07 14.22
C ARG A 141 3.17 -8.87 15.18
N ALA A 142 2.18 -8.10 14.74
CA ALA A 142 0.99 -7.86 15.56
C ALA A 142 -0.07 -8.92 15.32
N ILE A 143 0.21 -9.86 14.43
CA ILE A 143 -0.67 -11.01 14.22
C ILE A 143 -0.03 -12.29 14.74
N LEU A 144 1.25 -12.46 14.48
CA LEU A 144 1.94 -13.67 14.90
C LEU A 144 3.44 -13.43 15.08
N PRO A 145 4.09 -14.24 15.93
CA PRO A 145 5.53 -14.13 16.12
C PRO A 145 6.24 -14.54 14.84
N CYS A 146 7.16 -13.70 14.40
CA CYS A 146 7.87 -13.92 13.15
C CYS A 146 9.13 -13.06 13.10
N GLN A 147 10.03 -13.37 12.19
CA GLN A 147 11.07 -12.42 11.82
C GLN A 147 10.43 -11.40 10.89
N ASP A 148 9.99 -10.27 11.45
CA ASP A 148 9.18 -9.33 10.68
C ASP A 148 10.07 -8.38 9.91
N THR A 149 10.71 -8.92 8.88
CA THR A 149 11.63 -8.18 8.02
C THR A 149 11.53 -8.74 6.60
N PRO A 150 11.52 -7.87 5.59
CA PRO A 150 11.43 -8.30 4.20
C PRO A 150 12.70 -8.98 3.69
N SER A 151 13.71 -9.05 4.55
CA SER A 151 14.98 -9.69 4.19
C SER A 151 14.88 -11.22 4.26
N VAL A 152 13.78 -11.71 4.81
CA VAL A 152 13.51 -13.14 4.93
C VAL A 152 12.25 -13.49 4.15
N LYS A 153 12.31 -14.55 3.35
CA LYS A 153 11.15 -14.98 2.58
C LYS A 153 10.79 -16.42 2.90
N LEU A 154 9.51 -16.69 3.06
CA LEU A 154 9.05 -18.01 3.49
C LEU A 154 7.80 -18.39 2.71
N THR A 155 7.58 -19.70 2.57
CA THR A 155 6.30 -20.21 2.10
C THR A 155 5.37 -20.39 3.28
N TYR A 156 4.07 -20.56 3.02
CA TYR A 156 3.17 -20.82 4.13
C TYR A 156 1.95 -21.64 3.77
N THR A 157 1.40 -22.29 4.80
CA THR A 157 0.12 -22.96 4.70
C THR A 157 -0.67 -22.50 5.90
N ALA A 158 -2.00 -22.53 5.81
CA ALA A 158 -2.81 -22.04 6.90
C ALA A 158 -4.16 -22.74 6.93
N GLU A 159 -4.70 -22.88 8.14
CA GLU A 159 -6.05 -23.37 8.34
C GLU A 159 -6.72 -22.36 9.26
N VAL A 160 -7.84 -21.81 8.81
CA VAL A 160 -8.48 -20.71 9.53
C VAL A 160 -9.92 -21.09 9.87
N SER A 161 -10.23 -21.14 11.17
CA SER A 161 -11.58 -21.44 11.60
C SER A 161 -12.39 -20.16 11.74
N VAL A 162 -13.56 -20.13 11.11
CA VAL A 162 -14.43 -18.96 11.14
C VAL A 162 -15.88 -19.42 11.28
N PRO A 163 -16.77 -18.51 11.72
CA PRO A 163 -18.20 -18.81 11.72
C PRO A 163 -18.63 -19.33 10.34
N LYS A 164 -19.51 -20.33 10.33
CA LYS A 164 -19.81 -21.06 9.11
C LYS A 164 -20.45 -20.19 8.02
N GLU A 165 -21.10 -19.10 8.41
CA GLU A 165 -21.75 -18.23 7.44
C GLU A 165 -20.76 -17.28 6.77
N LEU A 166 -19.54 -17.22 7.29
CA LEU A 166 -18.55 -16.30 6.74
C LEU A 166 -17.53 -17.04 5.87
N VAL A 167 -16.78 -16.27 5.07
CA VAL A 167 -15.73 -16.82 4.21
C VAL A 167 -14.39 -16.23 4.61
N ALA A 168 -13.35 -17.05 4.61
CA ALA A 168 -11.99 -16.56 4.79
C ALA A 168 -11.23 -16.61 3.47
N LEU A 169 -10.40 -15.58 3.23
CA LEU A 169 -9.49 -15.56 2.09
C LEU A 169 -8.12 -15.11 2.58
N MET A 170 -7.07 -15.59 1.92
CA MET A 170 -5.71 -15.20 2.28
C MET A 170 -4.88 -14.94 1.03
N SER A 171 -3.68 -14.41 1.24
CA SER A 171 -2.75 -14.14 0.14
C SER A 171 -2.11 -15.45 -0.32
N ALA A 172 -2.94 -16.34 -0.86
CA ALA A 172 -2.52 -17.70 -1.13
C ALA A 172 -3.56 -18.38 -1.99
N ILE A 173 -3.26 -19.59 -2.45
CA ILE A 173 -4.20 -20.36 -3.25
C ILE A 173 -5.18 -21.05 -2.32
N ARG A 174 -6.47 -20.99 -2.64
CA ARG A 174 -7.48 -21.63 -1.80
C ARG A 174 -7.32 -23.14 -1.86
N ASP A 175 -7.39 -23.79 -0.71
CA ASP A 175 -7.12 -25.23 -0.64
C ASP A 175 -8.26 -26.00 0.02
N GLY A 176 -9.48 -25.51 -0.14
CA GLY A 176 -10.64 -26.26 0.34
C GLY A 176 -11.25 -25.71 1.61
N GLU A 177 -12.39 -26.30 1.99
CA GLU A 177 -13.10 -25.89 3.21
C GLU A 177 -13.84 -27.09 3.80
N THR A 178 -13.92 -27.16 5.14
CA THR A 178 -14.71 -28.17 5.83
C THR A 178 -15.28 -27.62 7.14
N PRO A 179 -16.30 -28.29 7.69
CA PRO A 179 -16.76 -27.94 9.04
C PRO A 179 -15.64 -28.12 10.06
N ASP A 180 -15.66 -27.31 11.12
CA ASP A 180 -14.66 -27.40 12.18
C ASP A 180 -15.06 -28.48 13.19
N PRO A 181 -14.25 -29.55 13.29
CA PRO A 181 -14.56 -30.69 14.16
C PRO A 181 -14.69 -30.33 15.64
N GLU A 182 -14.05 -29.24 16.06
CA GLU A 182 -14.09 -28.83 17.45
C GLU A 182 -15.18 -27.78 17.73
N ASP A 183 -15.94 -27.41 16.70
CA ASP A 183 -17.02 -26.46 16.85
C ASP A 183 -17.87 -26.36 15.59
N PRO A 184 -18.99 -27.10 15.53
CA PRO A 184 -19.89 -27.20 14.38
C PRO A 184 -20.51 -25.89 13.91
N SER A 185 -20.38 -24.83 14.71
CA SER A 185 -20.87 -23.53 14.29
C SER A 185 -19.85 -22.86 13.37
N ARG A 186 -18.73 -23.55 13.14
CA ARG A 186 -17.60 -22.97 12.42
C ARG A 186 -17.18 -23.78 11.20
N LYS A 187 -16.44 -23.14 10.31
CA LYS A 187 -15.89 -23.80 9.14
C LYS A 187 -14.37 -23.54 9.11
N ILE A 188 -13.61 -24.49 8.57
CA ILE A 188 -12.17 -24.31 8.41
C ILE A 188 -11.83 -24.11 6.94
N TYR A 189 -11.18 -22.99 6.62
CA TYR A 189 -10.69 -22.76 5.26
C TYR A 189 -9.18 -22.97 5.22
N LYS A 190 -8.71 -23.63 4.18
CA LYS A 190 -7.29 -23.95 4.05
C LYS A 190 -6.67 -23.21 2.88
N PHE A 191 -5.37 -22.93 2.98
CA PHE A 191 -4.67 -22.11 2.00
C PHE A 191 -3.23 -22.58 1.83
N ILE A 192 -2.69 -22.41 0.61
CA ILE A 192 -1.31 -22.76 0.33
C ILE A 192 -0.62 -21.65 -0.46
N GLN A 193 0.51 -21.17 0.04
CA GLN A 193 1.33 -20.23 -0.72
C GLN A 193 2.69 -20.88 -0.98
N LYS A 194 2.91 -21.33 -2.21
CA LYS A 194 4.07 -22.14 -2.57
C LYS A 194 5.28 -21.32 -3.01
N VAL A 195 5.06 -20.03 -3.23
CA VAL A 195 6.16 -19.14 -3.62
C VAL A 195 6.62 -18.41 -2.36
N PRO A 196 7.95 -18.39 -2.11
CA PRO A 196 8.47 -17.72 -0.91
C PRO A 196 8.16 -16.23 -0.93
N ILE A 197 7.62 -15.72 0.18
CA ILE A 197 7.27 -14.31 0.28
C ILE A 197 7.79 -13.72 1.59
N PRO A 198 8.01 -12.40 1.61
CA PRO A 198 8.25 -11.69 2.87
C PRO A 198 6.97 -11.69 3.70
N CYS A 199 7.10 -11.65 5.02
CA CYS A 199 5.92 -11.80 5.87
C CYS A 199 4.93 -10.64 5.78
N TYR A 200 5.34 -9.50 5.23
CA TYR A 200 4.39 -8.39 5.12
C TYR A 200 3.33 -8.66 4.05
N LEU A 201 3.52 -9.71 3.27
CA LEU A 201 2.56 -10.10 2.22
C LEU A 201 1.58 -11.18 2.70
N ILE A 202 1.69 -11.57 3.97
CA ILE A 202 0.68 -12.42 4.57
C ILE A 202 -0.58 -11.60 4.83
N ALA A 203 -1.72 -12.10 4.36
CA ALA A 203 -2.97 -11.35 4.49
C ALA A 203 -4.15 -12.27 4.77
N LEU A 204 -5.12 -11.74 5.51
CA LEU A 204 -6.32 -12.49 5.87
C LEU A 204 -7.52 -11.55 5.83
N VAL A 205 -8.62 -12.03 5.24
CA VAL A 205 -9.90 -11.33 5.32
C VAL A 205 -10.97 -12.35 5.69
N VAL A 206 -11.90 -11.96 6.56
CA VAL A 206 -13.02 -12.84 6.92
C VAL A 206 -14.33 -12.05 6.91
N GLY A 207 -15.28 -12.48 6.11
CA GLY A 207 -16.56 -11.79 6.05
C GLY A 207 -17.55 -12.46 5.13
N ALA A 208 -18.71 -11.84 4.93
CA ALA A 208 -19.74 -12.39 4.05
C ALA A 208 -19.39 -12.07 2.60
N LEU A 209 -18.49 -12.87 2.04
CA LEU A 209 -17.94 -12.56 0.73
C LEU A 209 -18.55 -13.41 -0.36
N GLU A 210 -18.76 -12.81 -1.53
CA GLU A 210 -19.20 -13.51 -2.72
C GLU A 210 -18.21 -13.22 -3.84
N SER A 211 -18.17 -14.08 -4.86
CA SER A 211 -17.24 -13.90 -5.95
C SER A 211 -17.92 -13.91 -7.31
N ARG A 212 -17.30 -13.22 -8.27
CA ARG A 212 -17.70 -13.35 -9.66
C ARG A 212 -16.46 -13.44 -10.53
N GLN A 213 -16.47 -14.34 -11.51
CA GLN A 213 -15.33 -14.48 -12.41
C GLN A 213 -15.32 -13.35 -13.44
N ILE A 214 -14.16 -12.76 -13.68
CA ILE A 214 -14.06 -11.67 -14.65
C ILE A 214 -12.92 -11.88 -15.63
N GLY A 215 -12.18 -12.97 -15.45
CA GLY A 215 -11.11 -13.30 -16.37
C GLY A 215 -10.73 -14.76 -16.21
N PRO A 216 -9.84 -15.28 -17.08
CA PRO A 216 -9.42 -16.68 -16.99
C PRO A 216 -8.69 -17.04 -15.70
N ARG A 217 -8.09 -16.06 -15.04
CA ARG A 217 -7.41 -16.31 -13.77
C ARG A 217 -7.77 -15.31 -12.68
N THR A 218 -8.96 -14.70 -12.79
CA THR A 218 -9.36 -13.63 -11.89
C THR A 218 -10.83 -13.72 -11.45
N LEU A 219 -11.04 -13.83 -10.14
CA LEU A 219 -12.34 -13.60 -9.54
C LEU A 219 -12.29 -12.26 -8.80
N VAL A 220 -13.39 -11.53 -8.81
CA VAL A 220 -13.54 -10.41 -7.89
C VAL A 220 -14.35 -10.84 -6.68
N TRP A 221 -13.89 -10.46 -5.50
CA TRP A 221 -14.57 -10.78 -4.24
C TRP A 221 -15.03 -9.48 -3.57
N SER A 222 -16.24 -9.49 -3.02
CA SER A 222 -16.70 -8.40 -2.17
C SER A 222 -17.98 -8.85 -1.49
N GLU A 223 -18.56 -8.00 -0.65
CA GLU A 223 -19.92 -8.25 -0.20
C GLU A 223 -20.86 -8.15 -1.38
N LYS A 224 -21.98 -8.83 -1.29
CA LYS A 224 -22.92 -8.99 -2.38
C LYS A 224 -23.26 -7.67 -3.10
N GLU A 225 -23.49 -6.61 -2.34
CA GLU A 225 -23.97 -5.38 -2.95
C GLU A 225 -22.93 -4.64 -3.81
N GLN A 226 -21.68 -5.05 -3.72
CA GLN A 226 -20.62 -4.46 -4.54
C GLN A 226 -20.12 -5.33 -5.69
N VAL A 227 -20.55 -6.59 -5.74
CA VAL A 227 -20.01 -7.51 -6.73
C VAL A 227 -20.20 -7.06 -8.18
N GLU A 228 -21.42 -6.67 -8.55
CA GLU A 228 -21.69 -6.32 -9.94
C GLU A 228 -20.91 -5.08 -10.36
N LYS A 229 -20.87 -4.07 -9.50
CA LYS A 229 -20.15 -2.85 -9.83
C LYS A 229 -18.64 -3.09 -9.92
N SER A 230 -18.11 -3.94 -9.04
CA SER A 230 -16.70 -4.26 -9.05
C SER A 230 -16.32 -5.06 -10.29
N ALA A 231 -17.18 -5.99 -10.69
CA ALA A 231 -16.91 -6.79 -11.87
C ALA A 231 -16.74 -5.91 -13.12
N TYR A 232 -17.56 -4.87 -13.22
CA TYR A 232 -17.47 -3.97 -14.36
C TYR A 232 -16.26 -3.05 -14.24
N GLU A 233 -16.03 -2.52 -13.05
CA GLU A 233 -15.00 -1.51 -12.84
C GLU A 233 -13.62 -2.08 -13.17
N PHE A 234 -13.43 -3.36 -12.87
CA PHE A 234 -12.12 -3.99 -13.00
C PHE A 234 -12.04 -4.98 -14.15
N SER A 235 -12.91 -4.81 -15.15
CA SER A 235 -12.98 -5.75 -16.26
C SER A 235 -11.75 -5.79 -17.16
N GLU A 236 -10.90 -4.76 -17.10
CA GLU A 236 -9.69 -4.73 -17.92
C GLU A 236 -8.52 -5.41 -17.24
N THR A 237 -8.77 -6.08 -16.12
CA THR A 237 -7.72 -6.70 -15.33
C THR A 237 -6.89 -7.74 -16.10
N GLU A 238 -7.55 -8.65 -16.82
CA GLU A 238 -6.79 -9.64 -17.58
C GLU A 238 -5.94 -9.02 -18.69
N SER A 239 -6.45 -7.98 -19.35
CA SER A 239 -5.68 -7.33 -20.41
C SER A 239 -4.43 -6.66 -19.83
N MET A 240 -4.56 -6.10 -18.62
CA MET A 240 -3.43 -5.51 -17.93
C MET A 240 -2.43 -6.58 -17.47
N LEU A 241 -2.94 -7.71 -16.98
CA LEU A 241 -2.08 -8.81 -16.59
C LEU A 241 -1.26 -9.28 -17.77
N LYS A 242 -1.90 -9.31 -18.94
CA LYS A 242 -1.25 -9.77 -20.17
C LYS A 242 -0.09 -8.84 -20.54
N ILE A 243 -0.32 -7.54 -20.44
CA ILE A 243 0.70 -6.56 -20.75
C ILE A 243 1.85 -6.67 -19.74
N ALA A 244 1.49 -6.82 -18.47
CA ALA A 244 2.48 -6.92 -17.41
C ALA A 244 3.39 -8.13 -17.62
N GLU A 245 2.81 -9.26 -18.00
CA GLU A 245 3.60 -10.45 -18.28
C GLU A 245 4.58 -10.20 -19.42
N ASP A 246 4.15 -9.41 -20.40
CA ASP A 246 5.01 -9.10 -21.52
C ASP A 246 6.21 -8.29 -21.05
N LEU A 247 5.98 -7.40 -20.10
CA LEU A 247 7.03 -6.51 -19.61
C LEU A 247 7.92 -7.15 -18.55
N GLY A 248 7.32 -7.93 -17.66
CA GLY A 248 8.07 -8.41 -16.51
C GLY A 248 8.52 -9.86 -16.57
N GLY A 249 7.92 -10.63 -17.49
CA GLY A 249 8.16 -12.06 -17.51
C GLY A 249 6.96 -12.81 -16.96
N PRO A 250 7.02 -14.14 -16.89
CA PRO A 250 5.85 -14.92 -16.50
C PRO A 250 5.26 -14.56 -15.14
N TYR A 251 3.95 -14.59 -15.06
CA TYR A 251 3.25 -14.47 -13.78
C TYR A 251 3.36 -15.81 -13.06
N VAL A 252 4.02 -15.82 -11.91
CA VAL A 252 4.32 -17.08 -11.23
C VAL A 252 3.36 -17.46 -10.12
N TRP A 253 2.33 -16.64 -9.89
CA TRP A 253 1.53 -16.75 -8.69
C TRP A 253 0.23 -17.54 -8.86
N GLY A 254 -0.03 -18.00 -10.08
CA GLY A 254 -1.23 -18.80 -10.30
C GLY A 254 -2.44 -17.94 -10.59
N GLN A 255 -3.20 -17.61 -9.56
CA GLN A 255 -4.38 -16.78 -9.72
C GLN A 255 -4.06 -15.31 -9.46
N TYR A 256 -4.84 -14.42 -10.05
CA TYR A 256 -4.82 -13.02 -9.67
C TYR A 256 -6.24 -12.57 -9.36
N ASP A 257 -6.64 -12.74 -8.11
CA ASP A 257 -7.98 -12.35 -7.66
C ASP A 257 -7.95 -10.92 -7.14
N LEU A 258 -9.11 -10.29 -7.10
CA LEU A 258 -9.26 -8.97 -6.49
C LEU A 258 -10.25 -9.04 -5.34
N LEU A 259 -9.93 -8.35 -4.25
CA LEU A 259 -10.87 -8.20 -3.15
C LEU A 259 -11.17 -6.71 -2.97
N VAL A 260 -12.45 -6.35 -3.05
CA VAL A 260 -12.84 -4.98 -2.78
C VAL A 260 -13.30 -4.90 -1.32
N LEU A 261 -12.55 -4.15 -0.51
CA LEU A 261 -12.79 -4.12 0.92
C LEU A 261 -13.84 -3.09 1.32
N PRO A 262 -14.22 -3.07 2.61
CA PRO A 262 -15.08 -2.00 3.13
C PRO A 262 -14.36 -0.65 3.01
N PRO A 263 -15.11 0.45 3.15
CA PRO A 263 -14.58 1.79 2.86
C PRO A 263 -13.43 2.23 3.76
N SER A 264 -13.29 1.60 4.92
CA SER A 264 -12.22 1.98 5.84
C SER A 264 -10.85 1.41 5.49
N PHE A 265 -10.77 0.66 4.40
CA PHE A 265 -9.46 0.16 3.99
C PHE A 265 -8.53 1.34 3.76
N PRO A 266 -7.36 1.34 4.42
CA PRO A 266 -6.49 2.52 4.53
C PRO A 266 -5.72 2.97 3.28
N TYR A 267 -5.59 2.09 2.30
CA TYR A 267 -4.85 2.43 1.09
C TYR A 267 -5.64 2.17 -0.18
N GLY A 268 -5.12 2.65 -1.32
CA GLY A 268 -5.79 2.40 -2.58
C GLY A 268 -5.75 0.93 -2.90
N GLY A 269 -4.62 0.29 -2.59
CA GLY A 269 -4.49 -1.13 -2.83
C GLY A 269 -3.36 -1.74 -2.03
N MET A 270 -3.36 -3.06 -1.93
CA MET A 270 -2.25 -3.79 -1.34
C MET A 270 -2.03 -5.06 -2.16
N GLU A 271 -0.77 -5.27 -2.54
CA GLU A 271 -0.43 -6.26 -3.54
C GLU A 271 -0.29 -7.67 -2.96
N ASN A 272 -1.22 -8.05 -2.10
CA ASN A 272 -1.14 -9.36 -1.48
C ASN A 272 -1.16 -10.45 -2.57
N PRO A 273 -0.17 -11.35 -2.55
CA PRO A 273 -0.04 -12.35 -3.61
C PRO A 273 -1.29 -13.22 -3.77
N CYS A 274 -1.73 -13.38 -5.01
CA CYS A 274 -2.92 -14.16 -5.34
C CYS A 274 -4.21 -13.41 -5.06
N LEU A 275 -4.14 -12.35 -4.27
CA LEU A 275 -5.36 -11.65 -3.88
C LEU A 275 -5.09 -10.18 -3.59
N THR A 276 -5.05 -9.36 -4.61
CA THR A 276 -4.90 -7.92 -4.40
C THR A 276 -6.10 -7.33 -3.66
N PHE A 277 -5.81 -6.54 -2.62
CA PHE A 277 -6.85 -5.80 -1.89
C PHE A 277 -6.99 -4.41 -2.50
N VAL A 278 -8.22 -3.95 -2.68
CA VAL A 278 -8.43 -2.58 -3.13
C VAL A 278 -9.52 -1.84 -2.37
N THR A 279 -9.40 -0.52 -2.36
CA THR A 279 -10.38 0.37 -1.76
C THR A 279 -11.64 0.46 -2.60
N PRO A 280 -12.82 0.54 -1.96
CA PRO A 280 -14.04 0.72 -2.75
C PRO A 280 -14.12 2.11 -3.40
N THR A 281 -13.20 3.01 -3.01
CA THR A 281 -13.22 4.33 -3.64
C THR A 281 -12.73 4.30 -5.09
N LEU A 282 -12.33 3.12 -5.56
CA LEU A 282 -11.99 2.95 -6.97
C LEU A 282 -13.25 2.81 -7.85
N LEU A 283 -14.39 2.57 -7.22
CA LEU A 283 -15.62 2.28 -7.96
C LEU A 283 -16.26 3.54 -8.52
N ALA A 284 -15.58 4.15 -9.49
CA ALA A 284 -16.01 5.41 -10.08
C ALA A 284 -17.13 5.20 -11.08
N GLY A 285 -17.32 3.97 -11.52
CA GLY A 285 -18.40 3.67 -12.44
C GLY A 285 -18.01 3.74 -13.90
N ASP A 286 -16.77 4.17 -14.17
CA ASP A 286 -16.31 4.32 -15.55
C ASP A 286 -14.91 3.77 -15.80
N LYS A 287 -14.37 3.05 -14.81
CA LYS A 287 -13.06 2.41 -14.90
C LYS A 287 -11.90 3.40 -14.94
N SER A 288 -12.16 4.66 -14.58
CA SER A 288 -11.14 5.70 -14.73
C SER A 288 -10.02 5.63 -13.68
N LEU A 289 -10.21 4.89 -12.61
CA LEU A 289 -9.18 4.79 -11.58
C LEU A 289 -8.42 3.46 -11.65
N SER A 290 -8.37 2.87 -12.84
CA SER A 290 -7.85 1.53 -13.02
C SER A 290 -6.32 1.46 -12.92
N ASN A 291 -5.66 2.60 -12.87
CA ASN A 291 -4.21 2.60 -12.78
C ASN A 291 -3.78 1.98 -11.45
N VAL A 292 -4.65 2.06 -10.45
CA VAL A 292 -4.36 1.41 -9.17
C VAL A 292 -4.27 -0.11 -9.35
N ILE A 293 -5.11 -0.67 -10.21
CA ILE A 293 -5.04 -2.10 -10.47
C ILE A 293 -3.75 -2.42 -11.23
N ALA A 294 -3.39 -1.55 -12.16
CA ALA A 294 -2.16 -1.72 -12.93
C ALA A 294 -0.96 -1.69 -11.99
N HIS A 295 -1.06 -0.85 -10.96
CA HIS A 295 0.00 -0.75 -9.97
C HIS A 295 0.10 -2.07 -9.18
N GLU A 296 -1.02 -2.54 -8.65
CA GLU A 296 -0.97 -3.74 -7.83
C GLU A 296 -0.55 -4.96 -8.66
N ILE A 297 -1.03 -5.03 -9.90
CA ILE A 297 -0.57 -6.08 -10.80
C ILE A 297 0.95 -6.06 -10.94
N SER A 298 1.52 -4.87 -11.15
CA SER A 298 2.95 -4.76 -11.41
C SER A 298 3.79 -5.24 -10.23
N HIS A 299 3.25 -5.11 -9.03
CA HIS A 299 3.92 -5.58 -7.82
C HIS A 299 4.19 -7.08 -7.84
N SER A 300 3.44 -7.81 -8.66
CA SER A 300 3.63 -9.26 -8.77
C SER A 300 5.05 -9.58 -9.25
N TRP A 301 5.73 -8.58 -9.81
CA TRP A 301 7.13 -8.70 -10.16
C TRP A 301 8.00 -7.83 -9.27
N THR A 302 7.75 -6.53 -9.30
CA THR A 302 8.54 -5.60 -8.51
C THR A 302 7.94 -5.40 -7.14
N GLY A 303 8.57 -6.02 -6.14
CA GLY A 303 8.02 -6.02 -4.80
C GLY A 303 7.82 -7.43 -4.28
N ASN A 304 7.00 -8.20 -5.00
CA ASN A 304 6.64 -9.54 -4.55
C ASN A 304 7.67 -10.60 -4.97
N LEU A 305 8.28 -10.40 -6.13
CA LEU A 305 9.36 -11.29 -6.58
C LEU A 305 10.72 -10.74 -6.23
N VAL A 306 10.98 -9.51 -6.68
CA VAL A 306 12.15 -8.77 -6.23
C VAL A 306 11.70 -7.81 -5.12
N THR A 307 12.29 -7.97 -3.94
CA THR A 307 11.78 -7.36 -2.72
C THR A 307 12.84 -6.50 -2.05
N ASN A 308 12.44 -5.39 -1.45
CA ASN A 308 13.40 -4.57 -0.72
C ASN A 308 13.90 -5.31 0.53
N LYS A 309 15.20 -5.26 0.76
CA LYS A 309 15.82 -6.00 1.85
C LYS A 309 15.47 -5.42 3.22
N THR A 310 15.44 -4.09 3.29
CA THR A 310 14.89 -3.41 4.47
C THR A 310 14.01 -2.27 3.98
N TRP A 311 13.25 -1.68 4.88
CA TRP A 311 12.33 -0.64 4.46
C TRP A 311 13.04 0.65 4.06
N ASP A 312 14.33 0.75 4.37
CA ASP A 312 15.12 1.88 3.92
C ASP A 312 15.15 1.94 2.39
N HIS A 313 14.94 0.79 1.75
CA HIS A 313 15.09 0.67 0.31
C HIS A 313 13.73 0.45 -0.38
N PHE A 314 12.68 0.92 0.28
CA PHE A 314 11.29 0.83 -0.19
C PHE A 314 11.11 1.39 -1.60
N TRP A 315 11.90 2.41 -1.95
CA TRP A 315 11.76 3.01 -3.28
C TRP A 315 11.97 1.98 -4.38
N LEU A 316 12.76 0.95 -4.10
CA LEU A 316 12.97 -0.12 -5.07
C LEU A 316 11.63 -0.79 -5.40
N ASN A 317 10.84 -1.10 -4.36
CA ASN A 317 9.50 -1.65 -4.57
C ASN A 317 8.63 -0.70 -5.40
N GLU A 318 8.57 0.56 -4.98
CA GLU A 318 7.56 1.46 -5.51
C GLU A 318 7.96 2.18 -6.80
N GLY A 319 9.23 2.55 -6.91
CA GLY A 319 9.66 3.26 -8.10
C GLY A 319 9.51 2.41 -9.34
N HIS A 320 9.95 1.15 -9.24
CA HIS A 320 9.85 0.24 -10.37
C HIS A 320 8.41 -0.15 -10.65
N THR A 321 7.61 -0.28 -9.60
CA THR A 321 6.20 -0.59 -9.78
C THR A 321 5.44 0.53 -10.47
N VAL A 322 5.70 1.78 -10.08
CA VAL A 322 5.06 2.90 -10.74
C VAL A 322 5.53 2.99 -12.18
N TYR A 323 6.81 2.70 -12.40
CA TYR A 323 7.35 2.72 -13.75
C TYR A 323 6.62 1.71 -14.63
N LEU A 324 6.46 0.49 -14.13
CA LEU A 324 5.72 -0.54 -14.87
C LEU A 324 4.26 -0.17 -15.02
N GLU A 325 3.67 0.33 -13.94
CA GLU A 325 2.29 0.81 -13.94
C GLU A 325 2.04 1.75 -15.13
N ARG A 326 2.89 2.77 -15.27
CA ARG A 326 2.63 3.77 -16.29
C ARG A 326 2.91 3.27 -17.71
N HIS A 327 3.72 2.21 -17.84
CA HIS A 327 3.87 1.54 -19.12
C HIS A 327 2.64 0.71 -19.51
N ILE A 328 2.01 0.09 -18.53
CA ILE A 328 0.74 -0.59 -18.78
C ILE A 328 -0.29 0.41 -19.28
N CYS A 329 -0.37 1.55 -18.61
CA CYS A 329 -1.30 2.60 -19.06
C CYS A 329 -0.89 3.17 -20.41
N GLY A 330 0.40 3.28 -20.65
CA GLY A 330 0.88 3.75 -21.93
C GLY A 330 0.51 2.80 -23.07
N ARG A 331 0.54 1.50 -22.81
CA ARG A 331 0.22 0.54 -23.86
C ARG A 331 -1.28 0.52 -24.11
N LEU A 332 -2.05 0.71 -23.05
CA LEU A 332 -3.50 0.69 -23.12
C LEU A 332 -4.07 1.96 -23.78
N PHE A 333 -3.41 3.09 -23.53
CA PHE A 333 -4.00 4.38 -23.87
C PHE A 333 -3.07 5.33 -24.62
N GLY A 334 -1.84 4.91 -24.85
CA GLY A 334 -0.93 5.68 -25.68
C GLY A 334 0.19 6.39 -24.93
N GLU A 335 1.29 6.65 -25.62
CA GLU A 335 2.49 7.19 -24.99
C GLU A 335 2.27 8.61 -24.45
N LYS A 336 1.42 9.38 -25.12
CA LYS A 336 1.12 10.72 -24.62
C LYS A 336 0.41 10.63 -23.28
N PHE A 337 -0.34 9.56 -23.07
CA PHE A 337 -1.01 9.35 -21.80
C PHE A 337 -0.01 8.97 -20.71
N ARG A 338 0.97 8.15 -21.06
CA ARG A 338 2.01 7.82 -20.09
C ARG A 338 2.74 9.07 -19.64
N HIS A 339 3.04 9.97 -20.57
CA HIS A 339 3.75 11.20 -20.22
C HIS A 339 2.88 12.11 -19.36
N PHE A 340 1.59 12.14 -19.65
CA PHE A 340 0.64 12.90 -18.84
C PHE A 340 0.67 12.44 -17.38
N ASN A 341 0.60 11.13 -17.17
CA ASN A 341 0.57 10.58 -15.82
C ASN A 341 1.91 10.74 -15.13
N ALA A 342 2.99 10.61 -15.90
CA ALA A 342 4.32 10.85 -15.37
C ALA A 342 4.44 12.29 -14.87
N LEU A 343 3.96 13.23 -15.68
CA LEU A 343 4.08 14.65 -15.35
C LEU A 343 3.21 14.97 -14.13
N GLY A 344 2.05 14.33 -14.04
CA GLY A 344 1.22 14.45 -12.86
C GLY A 344 1.94 13.94 -11.62
N GLY A 345 2.70 12.87 -11.78
CA GLY A 345 3.45 12.30 -10.68
C GLY A 345 4.54 13.24 -10.18
N TRP A 346 5.18 13.97 -11.10
CA TRP A 346 6.12 15.00 -10.68
C TRP A 346 5.39 16.03 -9.83
N GLY A 347 4.16 16.36 -10.23
CA GLY A 347 3.38 17.32 -9.49
C GLY A 347 3.06 16.83 -8.08
N GLU A 348 2.84 15.53 -7.92
CA GLU A 348 2.60 14.98 -6.59
C GLU A 348 3.88 14.97 -5.75
N LEU A 349 5.01 14.80 -6.41
CA LEU A 349 6.30 14.88 -5.74
C LEU A 349 6.55 16.31 -5.24
N GLN A 350 6.19 17.29 -6.06
CA GLN A 350 6.28 18.69 -5.63
C GLN A 350 5.46 18.91 -4.35
N ASN A 351 4.24 18.41 -4.34
CA ASN A 351 3.35 18.60 -3.19
C ASN A 351 3.94 17.97 -1.94
N SER A 352 4.47 16.76 -2.08
CA SER A 352 5.02 16.04 -0.94
C SER A 352 6.26 16.73 -0.36
N VAL A 353 7.14 17.18 -1.25
CA VAL A 353 8.35 17.87 -0.81
C VAL A 353 8.01 19.19 -0.15
N LYS A 354 6.98 19.87 -0.65
CA LYS A 354 6.56 21.13 -0.06
C LYS A 354 5.90 20.89 1.29
N THR A 355 5.17 19.78 1.40
CA THR A 355 4.54 19.40 2.67
C THR A 355 5.56 19.07 3.74
N PHE A 356 6.54 18.23 3.41
CA PHE A 356 7.57 17.84 4.37
C PHE A 356 8.59 18.95 4.60
N GLY A 357 8.84 19.74 3.56
CA GLY A 357 9.97 20.66 3.58
C GLY A 357 11.11 20.10 2.77
N GLU A 358 11.80 20.96 2.03
CA GLU A 358 12.74 20.52 1.02
C GLU A 358 14.03 19.94 1.61
N THR A 359 14.23 20.09 2.91
CA THR A 359 15.40 19.52 3.57
C THR A 359 15.05 18.32 4.45
N HIS A 360 13.77 17.95 4.48
CA HIS A 360 13.29 16.92 5.40
C HIS A 360 13.85 15.55 5.02
N PRO A 361 14.23 14.75 6.03
CA PRO A 361 14.84 13.42 5.82
C PRO A 361 14.00 12.46 4.99
N PHE A 362 12.68 12.60 5.07
CA PHE A 362 11.77 11.71 4.35
C PHE A 362 11.61 12.08 2.88
N THR A 363 12.27 13.15 2.43
CA THR A 363 12.25 13.50 1.02
C THR A 363 13.47 12.92 0.29
N LYS A 364 14.34 12.25 1.04
CA LYS A 364 15.40 11.47 0.43
C LYS A 364 14.81 10.21 -0.20
N LEU A 365 15.45 9.70 -1.25
CA LEU A 365 14.96 8.49 -1.91
C LEU A 365 15.26 7.26 -1.05
N VAL A 366 16.52 7.11 -0.67
CA VAL A 366 16.90 6.11 0.33
C VAL A 366 16.86 6.76 1.70
N VAL A 367 16.08 6.20 2.62
CA VAL A 367 15.87 6.82 3.92
C VAL A 367 16.52 6.03 5.05
N ASP A 368 16.49 6.59 6.25
CA ASP A 368 16.98 5.91 7.43
C ASP A 368 15.87 5.84 8.46
N LEU A 369 15.27 4.66 8.60
CA LEU A 369 14.09 4.50 9.44
C LEU A 369 14.42 4.05 10.86
N THR A 370 15.68 4.18 11.25
CA THR A 370 16.06 3.88 12.63
C THR A 370 15.22 4.75 13.56
N ASP A 371 14.46 4.11 14.44
CA ASP A 371 13.65 4.83 15.43
C ASP A 371 12.55 5.70 14.79
N ILE A 372 12.24 5.44 13.53
CA ILE A 372 11.09 6.07 12.88
C ILE A 372 10.03 5.02 12.59
N ASP A 373 8.80 5.28 13.02
CA ASP A 373 7.66 4.42 12.67
C ASP A 373 7.38 4.55 11.16
N PRO A 374 7.42 3.43 10.44
CA PRO A 374 7.27 3.50 8.97
C PRO A 374 5.96 4.16 8.53
N ASP A 375 4.90 3.94 9.31
CA ASP A 375 3.61 4.52 8.98
C ASP A 375 3.64 6.04 9.01
N VAL A 376 4.52 6.60 9.82
CA VAL A 376 4.63 8.05 9.93
C VAL A 376 5.46 8.61 8.77
N ALA A 377 6.44 7.84 8.31
CA ALA A 377 7.30 8.26 7.22
C ALA A 377 6.61 8.10 5.86
N TYR A 378 5.62 7.21 5.80
CA TYR A 378 4.98 6.85 4.53
C TYR A 378 4.47 8.06 3.75
N SER A 379 4.83 8.14 2.47
CA SER A 379 4.40 9.22 1.59
C SER A 379 4.59 8.84 0.13
N SER A 380 4.24 9.77 -0.75
CA SER A 380 4.42 9.59 -2.19
C SER A 380 5.88 9.67 -2.65
N VAL A 381 6.79 10.04 -1.75
CA VAL A 381 8.17 10.28 -2.18
C VAL A 381 8.85 9.06 -2.79
N PRO A 382 8.83 7.91 -2.09
CA PRO A 382 9.49 6.74 -2.71
C PRO A 382 8.85 6.36 -4.04
N TYR A 383 7.54 6.58 -4.16
CA TYR A 383 6.82 6.33 -5.42
C TYR A 383 7.31 7.22 -6.55
N GLU A 384 7.25 8.54 -6.33
CA GLU A 384 7.41 9.48 -7.43
C GLU A 384 8.86 9.95 -7.61
N LYS A 385 9.62 10.03 -6.53
CA LYS A 385 11.04 10.30 -6.69
C LYS A 385 11.69 9.06 -7.30
N GLY A 386 11.19 7.90 -6.90
CA GLY A 386 11.69 6.66 -7.48
C GLY A 386 11.37 6.57 -8.96
N PHE A 387 10.12 6.86 -9.31
CA PHE A 387 9.75 6.84 -10.72
C PHE A 387 10.56 7.87 -11.50
N ALA A 388 10.70 9.07 -10.93
CA ALA A 388 11.41 10.15 -11.63
C ALA A 388 12.84 9.74 -11.99
N LEU A 389 13.53 9.05 -11.08
CA LEU A 389 14.87 8.56 -11.34
C LEU A 389 14.89 7.56 -12.49
N LEU A 390 13.95 6.63 -12.49
CA LEU A 390 13.87 5.64 -13.55
C LEU A 390 13.49 6.26 -14.90
N PHE A 391 12.61 7.26 -14.85
CA PHE A 391 12.17 7.95 -16.07
C PHE A 391 13.34 8.75 -16.64
N TYR A 392 14.09 9.39 -15.75
CA TYR A 392 15.30 10.11 -16.13
C TYR A 392 16.34 9.18 -16.75
N LEU A 393 16.52 7.99 -16.16
CA LEU A 393 17.45 7.01 -16.69
C LEU A 393 16.99 6.46 -18.04
N GLU A 394 15.69 6.25 -18.19
CA GLU A 394 15.14 5.84 -19.48
C GLU A 394 15.56 6.80 -20.58
N GLN A 395 15.43 8.09 -20.32
CA GLN A 395 15.69 9.12 -21.33
C GLN A 395 17.18 9.29 -21.56
N LEU A 396 17.97 9.01 -20.53
CA LEU A 396 19.42 9.12 -20.62
C LEU A 396 20.00 7.95 -21.40
N LEU A 397 19.36 6.79 -21.27
CA LEU A 397 19.95 5.54 -21.74
C LEU A 397 19.39 5.02 -23.07
N GLY A 398 18.49 5.77 -23.70
CA GLY A 398 18.09 5.43 -25.04
C GLY A 398 16.60 5.19 -25.28
N GLY A 399 15.79 5.38 -24.25
CA GLY A 399 14.35 5.33 -24.45
C GLY A 399 13.65 4.16 -23.77
N PRO A 400 12.32 4.10 -23.87
CA PRO A 400 11.52 3.12 -23.14
C PRO A 400 11.78 1.66 -23.51
N GLU A 401 11.96 1.38 -24.80
CA GLU A 401 12.21 0.01 -25.22
C GLU A 401 13.52 -0.50 -24.62
N ILE A 402 14.54 0.34 -24.63
CA ILE A 402 15.83 -0.02 -24.05
C ILE A 402 15.74 -0.23 -22.55
N PHE A 403 15.03 0.66 -21.85
CA PHE A 403 15.01 0.57 -20.39
C PHE A 403 14.11 -0.57 -19.91
N LEU A 404 13.06 -0.87 -20.67
CA LEU A 404 12.20 -2.01 -20.35
C LEU A 404 12.98 -3.32 -20.48
N GLY A 405 13.98 -3.33 -21.36
CA GLY A 405 14.88 -4.47 -21.43
C GLY A 405 15.64 -4.65 -20.12
N PHE A 406 16.06 -3.54 -19.52
CA PHE A 406 16.72 -3.58 -18.23
C PHE A 406 15.78 -4.07 -17.13
N LEU A 407 14.56 -3.54 -17.16
CA LEU A 407 13.56 -3.90 -16.15
C LEU A 407 13.31 -5.41 -16.13
N LYS A 408 13.16 -6.02 -17.30
CA LYS A 408 12.87 -7.44 -17.36
C LYS A 408 14.07 -8.28 -16.93
N ALA A 409 15.28 -7.82 -17.28
CA ALA A 409 16.50 -8.50 -16.86
C ALA A 409 16.70 -8.39 -15.35
N TYR A 410 16.30 -7.25 -14.79
CA TYR A 410 16.42 -6.97 -13.36
C TYR A 410 15.50 -7.86 -12.54
N VAL A 411 14.25 -8.02 -12.98
CA VAL A 411 13.31 -8.92 -12.32
C VAL A 411 13.84 -10.34 -12.38
N GLU A 412 14.33 -10.72 -13.56
CA GLU A 412 14.88 -12.06 -13.76
C GLU A 412 16.06 -12.30 -12.81
N LYS A 413 16.93 -11.31 -12.68
CA LYS A 413 18.15 -11.46 -11.90
C LYS A 413 17.86 -11.65 -10.41
N PHE A 414 16.91 -10.88 -9.90
CA PHE A 414 16.70 -10.82 -8.46
C PHE A 414 15.40 -11.49 -7.99
N SER A 415 14.78 -12.26 -8.87
CA SER A 415 13.57 -12.98 -8.51
C SER A 415 13.77 -13.86 -7.28
N TYR A 416 12.81 -13.79 -6.36
CA TYR A 416 12.82 -14.57 -5.14
C TYR A 416 13.87 -14.12 -4.14
N LYS A 417 14.40 -12.92 -4.34
CA LYS A 417 15.44 -12.40 -3.47
C LYS A 417 15.03 -11.07 -2.86
N SER A 418 15.79 -10.62 -1.87
CA SER A 418 15.59 -9.29 -1.28
C SER A 418 16.88 -8.51 -1.44
N ILE A 419 16.78 -7.28 -1.89
CA ILE A 419 17.96 -6.54 -2.35
C ILE A 419 18.02 -5.10 -1.85
N THR A 420 19.20 -4.51 -1.93
CA THR A 420 19.39 -3.11 -1.55
C THR A 420 19.55 -2.21 -2.78
N THR A 421 19.59 -0.91 -2.53
CA THR A 421 19.82 0.06 -3.60
C THR A 421 21.16 -0.20 -4.30
N ASP A 422 22.18 -0.57 -3.54
CA ASP A 422 23.49 -0.85 -4.13
C ASP A 422 23.47 -2.09 -5.01
N ASP A 423 22.68 -3.09 -4.62
CA ASP A 423 22.45 -4.26 -5.48
C ASP A 423 21.84 -3.82 -6.81
N TRP A 424 20.85 -2.94 -6.75
CA TRP A 424 20.18 -2.44 -7.95
C TRP A 424 21.15 -1.67 -8.82
N LYS A 425 21.90 -0.76 -8.20
CA LYS A 425 22.81 0.11 -8.95
C LYS A 425 23.94 -0.71 -9.59
N ASP A 426 24.42 -1.72 -8.86
CA ASP A 426 25.46 -2.58 -9.40
C ASP A 426 24.99 -3.29 -10.66
N PHE A 427 23.75 -3.76 -10.64
CA PHE A 427 23.20 -4.43 -11.81
C PHE A 427 22.88 -3.45 -12.94
N LEU A 428 22.41 -2.26 -12.60
CA LEU A 428 22.20 -1.23 -13.61
C LEU A 428 23.49 -1.01 -14.40
N TYR A 429 24.59 -0.86 -13.67
CA TYR A 429 25.90 -0.63 -14.29
C TYR A 429 26.35 -1.84 -15.09
N SER A 430 26.10 -3.03 -14.55
CA SER A 430 26.43 -4.26 -15.25
C SER A 430 25.69 -4.30 -16.58
N TYR A 431 24.37 -4.14 -16.51
CA TYR A 431 23.52 -4.27 -17.68
C TYR A 431 23.86 -3.23 -18.76
N PHE A 432 24.10 -1.99 -18.34
CA PHE A 432 24.43 -0.92 -19.28
C PHE A 432 25.94 -0.66 -19.33
N LYS A 433 26.73 -1.73 -19.31
CA LYS A 433 28.18 -1.61 -19.27
C LYS A 433 28.70 -0.74 -20.40
N ASP A 434 28.04 -0.79 -21.56
CA ASP A 434 28.49 -0.06 -22.73
C ASP A 434 28.05 1.40 -22.70
N LYS A 435 27.37 1.78 -21.61
CA LYS A 435 26.92 3.16 -21.45
C LYS A 435 27.27 3.72 -20.07
N VAL A 436 28.36 3.24 -19.49
CA VAL A 436 28.76 3.66 -18.15
C VAL A 436 29.15 5.13 -18.09
N ASP A 437 29.69 5.65 -19.19
CA ASP A 437 30.05 7.07 -19.24
C ASP A 437 28.81 7.92 -19.07
N VAL A 438 27.70 7.47 -19.64
CA VAL A 438 26.43 8.15 -19.49
C VAL A 438 25.92 8.00 -18.05
N LEU A 439 26.07 6.80 -17.51
CA LEU A 439 25.66 6.54 -16.13
C LEU A 439 26.47 7.37 -15.13
N ASN A 440 27.75 7.55 -15.40
CA ASN A 440 28.61 8.28 -14.47
C ASN A 440 28.30 9.78 -14.47
N GLN A 441 27.44 10.21 -15.39
CA GLN A 441 27.04 11.61 -15.47
C GLN A 441 25.88 11.95 -14.54
N VAL A 442 25.17 10.95 -14.04
CA VAL A 442 24.11 11.23 -13.08
C VAL A 442 24.67 11.48 -11.68
N ASP A 443 24.07 12.44 -11.00
CA ASP A 443 24.50 12.81 -9.67
C ASP A 443 23.91 11.82 -8.67
N TRP A 444 24.56 10.66 -8.55
CA TRP A 444 24.00 9.57 -7.74
C TRP A 444 23.77 9.98 -6.30
N ASN A 445 24.70 10.74 -5.74
CA ASN A 445 24.58 11.12 -4.34
C ASN A 445 23.36 11.99 -4.11
N ALA A 446 23.09 12.89 -5.05
CA ALA A 446 21.94 13.77 -4.94
C ALA A 446 20.64 13.00 -5.12
N TRP A 447 20.56 12.19 -6.17
CA TRP A 447 19.34 11.43 -6.45
C TRP A 447 18.98 10.46 -5.33
N LEU A 448 19.99 9.77 -4.79
CA LEU A 448 19.73 8.69 -3.84
C LEU A 448 19.66 9.14 -2.39
N TYR A 449 20.46 10.14 -2.01
CA TYR A 449 20.68 10.44 -0.60
C TYR A 449 20.38 11.86 -0.15
N SER A 450 20.15 12.76 -1.10
CA SER A 450 19.82 14.14 -0.76
C SER A 450 18.32 14.39 -0.67
N PRO A 451 17.90 15.26 0.25
CA PRO A 451 16.51 15.71 0.37
C PRO A 451 16.09 16.61 -0.80
N GLY A 452 14.78 16.83 -0.90
CA GLY A 452 14.27 17.83 -1.83
C GLY A 452 13.92 17.24 -3.18
N LEU A 453 13.55 18.11 -4.11
CA LEU A 453 13.31 17.69 -5.49
C LEU A 453 14.61 17.21 -6.11
N PRO A 454 14.52 16.28 -7.08
CA PRO A 454 15.69 15.73 -7.75
C PRO A 454 16.52 16.83 -8.41
N PRO A 455 17.81 16.58 -8.63
CA PRO A 455 18.73 17.57 -9.22
C PRO A 455 18.40 17.92 -10.66
N ILE A 456 17.61 17.07 -11.31
CA ILE A 456 17.21 17.31 -12.69
C ILE A 456 15.84 16.74 -12.97
N LYS A 457 15.00 17.52 -13.64
CA LYS A 457 13.66 17.10 -13.99
C LYS A 457 13.64 16.49 -15.39
N PRO A 458 13.05 15.30 -15.54
CA PRO A 458 12.96 14.66 -16.85
C PRO A 458 12.20 15.49 -17.86
N ASN A 459 12.26 15.10 -19.13
CA ASN A 459 11.48 15.76 -20.18
C ASN A 459 10.09 15.12 -20.25
N TYR A 460 9.04 15.95 -20.27
CA TYR A 460 7.67 15.45 -20.36
C TYR A 460 6.94 16.04 -21.56
N ASP A 461 6.31 15.18 -22.35
CA ASP A 461 5.35 15.62 -23.36
C ASP A 461 4.20 16.32 -22.65
N MET A 462 3.78 17.45 -23.19
CA MET A 462 2.82 18.32 -22.53
C MET A 462 1.44 18.26 -23.15
N THR A 463 1.32 17.48 -24.22
CA THR A 463 0.13 17.53 -25.07
C THR A 463 -1.18 17.51 -24.28
N LEU A 464 -1.33 16.53 -23.41
CA LEU A 464 -2.59 16.33 -22.69
C LEU A 464 -2.72 17.24 -21.48
N THR A 465 -1.59 17.75 -21.01
CA THR A 465 -1.59 18.57 -19.80
C THR A 465 -1.91 20.02 -20.12
N ASN A 466 -1.61 20.45 -21.34
CA ASN A 466 -1.72 21.86 -21.72
C ASN A 466 -3.08 22.50 -21.46
N ALA A 467 -4.15 21.80 -21.82
CA ALA A 467 -5.50 22.30 -21.60
C ALA A 467 -5.82 22.46 -20.11
N CYS A 468 -5.26 21.59 -19.27
CA CYS A 468 -5.49 21.66 -17.84
C CYS A 468 -4.81 22.90 -17.26
N ILE A 469 -3.56 23.11 -17.67
CA ILE A 469 -2.79 24.26 -17.22
C ILE A 469 -3.43 25.57 -17.68
N ALA A 470 -3.87 25.59 -18.94
CA ALA A 470 -4.48 26.79 -19.50
C ALA A 470 -5.74 27.20 -18.74
N LEU A 471 -6.60 26.22 -18.46
CA LEU A 471 -7.84 26.52 -17.75
C LEU A 471 -7.58 26.90 -16.29
N SER A 472 -6.65 26.22 -15.64
CA SER A 472 -6.29 26.57 -14.27
C SER A 472 -5.78 28.01 -14.22
N GLN A 473 -4.96 28.38 -15.19
CA GLN A 473 -4.39 29.74 -15.23
C GLN A 473 -5.44 30.80 -15.52
N ARG A 474 -6.47 30.45 -16.30
CA ARG A 474 -7.59 31.36 -16.51
C ARG A 474 -8.29 31.68 -15.22
N TRP A 475 -8.51 30.66 -14.39
CA TRP A 475 -9.19 30.86 -13.12
C TRP A 475 -8.34 31.65 -12.14
N ILE A 476 -7.07 31.29 -12.03
CA ILE A 476 -6.18 31.95 -11.09
C ILE A 476 -5.98 33.43 -11.41
N THR A 477 -5.87 33.76 -12.70
CA THR A 477 -5.68 35.15 -13.10
C THR A 477 -6.99 35.91 -13.28
N ALA A 478 -8.11 35.21 -13.20
CA ALA A 478 -9.41 35.86 -13.35
C ALA A 478 -9.64 36.88 -12.23
N LYS A 479 -10.24 38.03 -12.59
CA LYS A 479 -10.77 38.96 -11.59
C LYS A 479 -12.28 38.83 -11.59
N GLU A 480 -12.97 39.56 -10.72
CA GLU A 480 -14.41 39.38 -10.61
C GLU A 480 -15.13 39.54 -11.93
N ASP A 481 -14.73 40.52 -12.75
CA ASP A 481 -15.46 40.80 -13.99
C ASP A 481 -15.16 39.77 -15.08
N ASP A 482 -14.26 38.84 -14.79
CA ASP A 482 -13.93 37.74 -15.69
C ASP A 482 -14.75 36.48 -15.40
N LEU A 483 -15.38 36.43 -14.22
CA LEU A 483 -16.05 35.21 -13.80
C LEU A 483 -17.23 34.82 -14.70
N ASN A 484 -17.87 35.81 -15.31
CA ASN A 484 -19.02 35.57 -16.18
C ASN A 484 -18.63 34.77 -17.42
N SER A 485 -17.36 34.87 -17.81
CA SER A 485 -16.90 34.26 -19.05
C SER A 485 -16.77 32.75 -18.95
N PHE A 486 -16.71 32.21 -17.73
CA PHE A 486 -16.59 30.78 -17.54
C PHE A 486 -17.93 30.09 -17.76
N ASN A 487 -17.90 28.90 -18.34
CA ASN A 487 -19.11 28.17 -18.72
C ASN A 487 -18.85 26.67 -18.78
N ALA A 488 -19.92 25.88 -18.67
CA ALA A 488 -19.81 24.43 -18.66
C ALA A 488 -19.07 23.90 -19.90
N THR A 489 -19.11 24.66 -20.99
CA THR A 489 -18.46 24.25 -22.22
C THR A 489 -16.94 24.21 -22.07
N ASP A 490 -16.43 24.87 -21.03
CA ASP A 490 -15.00 24.86 -20.75
C ASP A 490 -14.48 23.42 -20.61
N LEU A 491 -15.34 22.52 -20.14
CA LEU A 491 -14.93 21.17 -19.76
C LEU A 491 -15.22 20.15 -20.85
N LYS A 492 -15.76 20.63 -21.98
CA LYS A 492 -16.31 19.74 -23.01
C LYS A 492 -15.30 18.71 -23.49
N ASP A 493 -14.06 19.13 -23.72
CA ASP A 493 -13.07 18.27 -24.34
C ASP A 493 -12.07 17.70 -23.33
N LEU A 494 -12.40 17.76 -22.05
CA LEU A 494 -11.51 17.21 -21.02
C LEU A 494 -11.99 15.86 -20.52
N SER A 495 -11.05 14.92 -20.40
CA SER A 495 -11.35 13.62 -19.81
C SER A 495 -11.44 13.78 -18.30
N SER A 496 -11.91 12.74 -17.61
CA SER A 496 -11.93 12.78 -16.15
C SER A 496 -10.52 12.97 -15.61
N HIS A 497 -9.54 12.38 -16.28
CA HIS A 497 -8.15 12.52 -15.87
C HIS A 497 -7.70 13.97 -16.00
N GLN A 498 -8.17 14.63 -17.05
CA GLN A 498 -7.81 16.04 -17.25
C GLN A 498 -8.55 16.96 -16.29
N LEU A 499 -9.78 16.60 -15.93
CA LEU A 499 -10.51 17.38 -14.96
C LEU A 499 -9.79 17.28 -13.62
N ASN A 500 -9.30 16.09 -13.30
CA ASN A 500 -8.57 15.90 -12.05
C ASN A 500 -7.27 16.71 -12.05
N GLU A 501 -6.58 16.76 -13.19
CA GLU A 501 -5.34 17.51 -13.26
C GLU A 501 -5.58 19.02 -13.20
N PHE A 502 -6.69 19.47 -13.80
CA PHE A 502 -7.09 20.87 -13.70
C PHE A 502 -7.24 21.28 -12.23
N LEU A 503 -7.89 20.43 -11.44
CA LEU A 503 -8.10 20.70 -10.03
C LEU A 503 -6.79 20.62 -9.26
N ALA A 504 -5.92 19.70 -9.65
CA ALA A 504 -4.63 19.55 -8.99
C ALA A 504 -3.77 20.78 -9.23
N GLN A 505 -3.82 21.30 -10.45
CA GLN A 505 -3.05 22.49 -10.80
C GLN A 505 -3.56 23.68 -9.99
N THR A 506 -4.87 23.76 -9.84
CA THR A 506 -5.47 24.92 -9.19
C THR A 506 -5.28 24.83 -7.68
N LEU A 507 -5.39 23.63 -7.14
CA LEU A 507 -5.17 23.40 -5.71
C LEU A 507 -3.74 23.76 -5.31
N GLN A 508 -2.79 23.63 -6.22
CA GLN A 508 -1.41 24.02 -5.93
C GLN A 508 -1.26 25.51 -5.65
N ARG A 509 -2.22 26.32 -6.11
CA ARG A 509 -2.19 27.76 -5.88
C ARG A 509 -3.28 28.23 -4.93
N ALA A 510 -3.93 27.29 -4.25
CA ALA A 510 -4.99 27.65 -3.31
C ALA A 510 -4.41 28.36 -2.09
N PRO A 511 -5.20 29.23 -1.44
CA PRO A 511 -6.61 29.53 -1.75
C PRO A 511 -6.83 30.38 -3.00
N LEU A 512 -8.00 30.21 -3.60
CA LEU A 512 -8.55 31.17 -4.55
C LEU A 512 -9.64 31.98 -3.83
N PRO A 513 -10.04 33.13 -4.39
CA PRO A 513 -11.11 33.93 -3.78
C PRO A 513 -12.40 33.13 -3.70
N LEU A 514 -13.16 33.33 -2.63
CA LEU A 514 -14.38 32.57 -2.39
C LEU A 514 -15.33 32.71 -3.56
N GLY A 515 -15.37 33.90 -4.14
CA GLY A 515 -16.26 34.15 -5.26
C GLY A 515 -15.90 33.31 -6.48
N HIS A 516 -14.61 33.04 -6.67
CA HIS A 516 -14.19 32.19 -7.78
C HIS A 516 -14.67 30.76 -7.58
N ILE A 517 -14.51 30.26 -6.36
CA ILE A 517 -14.93 28.91 -6.02
C ILE A 517 -16.44 28.72 -6.16
N LYS A 518 -17.20 29.71 -5.68
CA LYS A 518 -18.65 29.67 -5.85
C LYS A 518 -19.03 29.64 -7.33
N ARG A 519 -18.33 30.42 -8.16
CA ARG A 519 -18.63 30.45 -9.59
C ARG A 519 -18.28 29.10 -10.22
N MET A 520 -17.20 28.49 -9.75
CA MET A 520 -16.77 27.20 -10.26
C MET A 520 -17.88 26.16 -10.05
N GLN A 521 -18.49 26.18 -8.87
CA GLN A 521 -19.58 25.24 -8.60
C GLN A 521 -20.79 25.61 -9.45
N GLU A 522 -21.02 26.91 -9.64
CA GLU A 522 -22.17 27.37 -10.40
C GLU A 522 -22.14 26.87 -11.83
N VAL A 523 -20.96 26.88 -12.46
CA VAL A 523 -20.87 26.56 -13.87
C VAL A 523 -20.38 25.15 -14.19
N TYR A 524 -19.58 24.56 -13.29
CA TYR A 524 -19.02 23.23 -13.52
C TYR A 524 -19.75 22.15 -12.74
N ASN A 525 -20.44 22.54 -11.67
CA ASN A 525 -21.18 21.60 -10.81
C ASN A 525 -20.30 20.44 -10.36
N PHE A 526 -19.12 20.76 -9.83
CA PHE A 526 -18.22 19.74 -9.31
C PHE A 526 -18.79 18.99 -8.11
N ASN A 527 -19.75 19.59 -7.41
CA ASN A 527 -20.39 18.93 -6.28
C ASN A 527 -21.04 17.62 -6.71
N ALA A 528 -21.32 17.49 -8.00
CA ALA A 528 -22.07 16.35 -8.52
C ALA A 528 -21.19 15.16 -8.86
N ILE A 529 -19.88 15.37 -8.93
CA ILE A 529 -18.97 14.31 -9.36
C ILE A 529 -18.67 13.36 -8.20
N ASN A 530 -18.83 12.07 -8.46
CA ASN A 530 -18.63 11.06 -7.42
C ASN A 530 -17.23 10.45 -7.49
N ASN A 531 -16.55 10.67 -8.60
CA ASN A 531 -15.16 10.22 -8.76
C ASN A 531 -14.34 10.67 -7.54
N SER A 532 -13.82 9.70 -6.80
CA SER A 532 -13.23 10.00 -5.50
C SER A 532 -12.04 10.93 -5.59
N GLU A 533 -11.21 10.77 -6.63
CA GLU A 533 -10.02 11.60 -6.77
C GLU A 533 -10.41 13.05 -7.11
N ILE A 534 -11.38 13.21 -8.00
CA ILE A 534 -11.85 14.55 -8.35
C ILE A 534 -12.53 15.20 -7.16
N ARG A 535 -13.42 14.46 -6.49
CA ARG A 535 -14.16 15.04 -5.39
C ARG A 535 -13.21 15.42 -4.26
N PHE A 536 -12.24 14.56 -3.98
CA PHE A 536 -11.20 14.86 -2.99
C PHE A 536 -10.56 16.22 -3.25
N ARG A 537 -10.07 16.44 -4.46
CA ARG A 537 -9.34 17.67 -4.75
C ARG A 537 -10.27 18.90 -4.79
N TRP A 538 -11.48 18.70 -5.31
CA TRP A 538 -12.48 19.76 -5.31
C TRP A 538 -12.80 20.21 -3.88
N LEU A 539 -13.06 19.25 -3.00
CA LEU A 539 -13.37 19.61 -1.62
C LEU A 539 -12.19 20.26 -0.90
N ARG A 540 -10.98 19.79 -1.18
CA ARG A 540 -9.81 20.45 -0.61
C ARG A 540 -9.73 21.90 -1.08
N LEU A 541 -10.00 22.12 -2.36
CA LEU A 541 -9.95 23.47 -2.91
C LEU A 541 -10.99 24.36 -2.24
N CYS A 542 -12.17 23.79 -2.00
CA CYS A 542 -13.25 24.55 -1.36
C CYS A 542 -12.93 24.93 0.09
N ILE A 543 -12.42 23.97 0.85
CA ILE A 543 -12.12 24.21 2.26
C ILE A 543 -10.94 25.14 2.43
N GLN A 544 -9.91 24.98 1.60
CA GLN A 544 -8.76 25.85 1.67
C GLN A 544 -9.11 27.26 1.20
N SER A 545 -10.16 27.38 0.41
CA SER A 545 -10.67 28.68 -0.03
C SER A 545 -11.78 29.21 0.89
N LYS A 546 -12.02 28.50 1.99
CA LYS A 546 -12.86 28.97 3.08
C LYS A 546 -14.36 29.05 2.72
N TRP A 547 -14.83 28.08 1.94
CA TRP A 547 -16.27 27.97 1.66
C TRP A 547 -16.96 27.11 2.70
N GLU A 548 -17.74 27.73 3.57
CA GLU A 548 -18.36 27.02 4.69
C GLU A 548 -19.36 25.96 4.21
N ASP A 549 -19.93 26.17 3.04
CA ASP A 549 -20.88 25.21 2.48
C ASP A 549 -20.25 23.84 2.29
N ALA A 550 -18.94 23.83 2.04
CA ALA A 550 -18.23 22.59 1.73
C ALA A 550 -17.87 21.80 2.98
N ILE A 551 -18.02 22.42 4.15
CA ILE A 551 -17.62 21.79 5.40
C ILE A 551 -18.32 20.46 5.65
N PRO A 552 -19.65 20.41 5.53
CA PRO A 552 -20.32 19.12 5.73
C PRO A 552 -19.95 18.08 4.67
N LEU A 553 -19.72 18.54 3.44
CA LEU A 553 -19.34 17.61 2.37
C LEU A 553 -17.97 17.01 2.65
N ALA A 554 -17.04 17.84 3.12
CA ALA A 554 -15.68 17.40 3.43
C ALA A 554 -15.66 16.47 4.64
N LEU A 555 -16.46 16.80 5.65
CA LEU A 555 -16.57 15.96 6.84
C LEU A 555 -17.16 14.59 6.48
N LYS A 556 -18.15 14.61 5.58
CA LYS A 556 -18.79 13.38 5.14
C LYS A 556 -17.79 12.47 4.40
N MET A 557 -17.06 13.03 3.43
CA MET A 557 -16.11 12.20 2.69
C MET A 557 -15.00 11.69 3.60
N ALA A 558 -14.58 12.52 4.54
CA ALA A 558 -13.47 12.16 5.43
C ALA A 558 -13.81 10.97 6.31
N THR A 559 -15.09 10.81 6.62
CA THR A 559 -15.52 9.77 7.56
C THR A 559 -16.22 8.57 6.92
N GLU A 560 -16.88 8.77 5.78
CA GLU A 560 -17.61 7.68 5.13
C GLU A 560 -16.69 6.72 4.40
N GLN A 561 -15.44 7.11 4.22
CA GLN A 561 -14.40 6.20 3.75
C GLN A 561 -13.12 6.53 4.51
N GLY A 562 -12.12 5.64 4.40
CA GLY A 562 -10.96 5.76 5.26
C GLY A 562 -9.63 5.61 4.54
N ARG A 563 -9.64 5.74 3.23
CA ARG A 563 -8.39 5.72 2.48
C ARG A 563 -7.57 6.91 2.94
N MET A 564 -6.36 6.66 3.41
CA MET A 564 -5.63 7.70 4.11
C MET A 564 -5.24 8.87 3.21
N LYS A 565 -5.05 8.58 1.93
CA LYS A 565 -4.78 9.58 0.90
C LYS A 565 -5.85 10.67 0.89
N PHE A 566 -7.06 10.31 1.27
CA PHE A 566 -8.19 11.23 1.26
C PHE A 566 -8.51 11.72 2.65
N THR A 567 -8.64 10.78 3.59
CA THR A 567 -9.07 11.10 4.94
C THR A 567 -8.11 12.04 5.67
N ARG A 568 -6.80 11.81 5.55
CA ARG A 568 -5.86 12.62 6.30
C ARG A 568 -5.80 14.08 5.85
N PRO A 569 -5.66 14.34 4.54
CA PRO A 569 -5.65 15.74 4.08
C PRO A 569 -6.98 16.46 4.30
N LEU A 570 -8.09 15.73 4.22
CA LEU A 570 -9.39 16.36 4.45
C LEU A 570 -9.52 16.79 5.91
N PHE A 571 -9.18 15.89 6.83
CA PHE A 571 -9.20 16.26 8.25
C PHE A 571 -8.24 17.41 8.56
N LYS A 572 -7.06 17.38 7.94
CA LYS A 572 -6.07 18.41 8.21
C LYS A 572 -6.52 19.77 7.68
N ASP A 573 -7.13 19.77 6.49
CA ASP A 573 -7.69 20.99 5.92
C ASP A 573 -8.83 21.53 6.79
N LEU A 574 -9.73 20.63 7.19
CA LEU A 574 -10.84 20.99 8.07
C LEU A 574 -10.35 21.55 9.41
N ALA A 575 -9.23 21.03 9.90
CA ALA A 575 -8.63 21.51 11.13
C ALA A 575 -8.05 22.91 10.96
N ALA A 576 -7.49 23.19 9.78
CA ALA A 576 -6.83 24.47 9.52
C ALA A 576 -7.82 25.59 9.24
N PHE A 577 -9.03 25.21 8.82
CA PHE A 577 -10.10 26.18 8.56
C PHE A 577 -10.75 26.53 9.91
N ASP A 578 -10.67 27.79 10.31
CA ASP A 578 -11.12 28.18 11.64
C ASP A 578 -12.59 27.83 11.88
N LYS A 579 -13.40 27.94 10.83
CA LYS A 579 -14.83 27.69 10.95
C LYS A 579 -15.19 26.22 11.21
N SER A 580 -14.35 25.29 10.75
CA SER A 580 -14.65 23.87 10.89
C SER A 580 -13.74 23.17 11.91
N HIS A 581 -12.80 23.91 12.49
CA HIS A 581 -11.78 23.30 13.33
C HIS A 581 -12.35 22.48 14.49
N ASP A 582 -13.23 23.09 15.28
CA ASP A 582 -13.76 22.40 16.45
C ASP A 582 -14.57 21.18 16.02
N GLN A 583 -15.30 21.30 14.93
CA GLN A 583 -16.11 20.18 14.47
C GLN A 583 -15.26 19.06 13.90
N ALA A 584 -14.13 19.41 13.29
CA ALA A 584 -13.22 18.40 12.75
C ALA A 584 -12.67 17.55 13.89
N VAL A 585 -12.28 18.20 14.98
CA VAL A 585 -11.75 17.50 16.14
C VAL A 585 -12.82 16.64 16.81
N ARG A 586 -14.01 17.20 16.96
CA ARG A 586 -15.11 16.49 17.59
C ARG A 586 -15.45 15.25 16.78
N THR A 587 -15.40 15.39 15.46
CA THR A 587 -15.76 14.31 14.55
C THR A 587 -14.72 13.19 14.60
N TYR A 588 -13.46 13.56 14.76
CA TYR A 588 -12.40 12.58 14.92
C TYR A 588 -12.58 11.83 16.24
N GLN A 589 -12.85 12.57 17.32
CA GLN A 589 -13.05 11.95 18.62
C GLN A 589 -14.19 10.94 18.59
N GLU A 590 -15.28 11.30 17.92
CA GLU A 590 -16.45 10.43 17.86
C GLU A 590 -16.19 9.17 17.05
N HIS A 591 -15.32 9.28 16.04
CA HIS A 591 -15.11 8.18 15.11
C HIS A 591 -13.88 7.34 15.45
N LYS A 592 -12.99 7.91 16.25
CA LYS A 592 -11.69 7.30 16.53
C LYS A 592 -11.79 5.81 16.79
N ALA A 593 -12.66 5.43 17.72
CA ALA A 593 -12.73 4.05 18.20
C ALA A 593 -13.10 3.06 17.09
N SER A 594 -13.77 3.55 16.06
CA SER A 594 -14.26 2.68 15.00
C SER A 594 -13.45 2.82 13.70
N MET A 595 -12.36 3.57 13.77
CA MET A 595 -11.48 3.73 12.61
C MET A 595 -10.45 2.61 12.58
N HIS A 596 -9.80 2.43 11.43
CA HIS A 596 -8.65 1.55 11.32
C HIS A 596 -7.59 2.06 12.30
N PRO A 597 -6.93 1.16 13.04
CA PRO A 597 -6.02 1.59 14.10
C PRO A 597 -4.89 2.51 13.63
N VAL A 598 -4.36 2.25 12.44
CA VAL A 598 -3.27 3.06 11.92
C VAL A 598 -3.77 4.43 11.50
N THR A 599 -4.92 4.45 10.82
CA THR A 599 -5.52 5.70 10.37
C THR A 599 -5.88 6.59 11.56
N ALA A 600 -6.42 5.96 12.61
CA ALA A 600 -6.79 6.71 13.81
C ALA A 600 -5.56 7.35 14.43
N MET A 601 -4.45 6.62 14.41
CA MET A 601 -3.23 7.11 15.03
C MET A 601 -2.71 8.33 14.28
N LEU A 602 -2.70 8.25 12.95
CA LEU A 602 -2.11 9.29 12.11
C LEU A 602 -2.97 10.56 12.03
N VAL A 603 -4.29 10.39 11.96
CA VAL A 603 -5.18 11.54 11.99
C VAL A 603 -5.06 12.26 13.32
N GLY A 604 -4.93 11.49 14.40
CA GLY A 604 -4.71 12.09 15.71
C GLY A 604 -3.46 12.94 15.77
N LYS A 605 -2.35 12.41 15.26
CA LYS A 605 -1.10 13.17 15.19
C LYS A 605 -1.28 14.42 14.34
N ASP A 606 -1.95 14.27 13.21
CA ASP A 606 -2.20 15.39 12.30
C ASP A 606 -2.98 16.50 13.00
N LEU A 607 -3.98 16.10 13.78
CA LEU A 607 -4.86 17.04 14.47
C LEU A 607 -4.30 17.48 15.81
N LYS A 608 -3.17 16.89 16.20
CA LYS A 608 -2.56 17.19 17.49
C LYS A 608 -3.53 16.83 18.61
N VAL A 609 -4.24 15.73 18.41
CA VAL A 609 -5.24 15.28 19.38
C VAL A 609 -4.76 14.03 20.13
N ASP A 610 -4.88 14.07 21.45
CA ASP A 610 -4.48 12.97 22.32
C ASP A 610 -2.97 12.77 22.29
ZN ZN B . 3.02 0.01 -4.48
YB YB C . -11.15 43.20 -15.77
C ACT D . -10.02 43.98 -13.34
O ACT D . -9.27 43.97 -14.36
OXT ACT D . -11.20 43.61 -13.48
CH3 ACT D . -9.48 44.40 -12.03
C1 4BG E . 9.81 3.19 3.73
C2 4BG E . 10.64 4.26 3.37
C3 4BG E . 10.20 5.58 3.56
C4 4BG E . 8.94 5.83 4.12
C5 4BG E . 8.12 4.76 4.47
C6 4BG E . 8.54 3.43 4.27
C7 4BG E . 7.52 2.30 4.37
O8 4BG E . 6.33 2.59 4.98
C9 4BG E . 5.34 1.73 4.59
C12 4BG E . 5.25 1.33 3.25
C13 4BG E . 4.06 0.84 2.73
C10 4BG E . 4.23 1.57 5.44
C11 4BG E . 3.02 1.06 4.92
C14 4BG E . 2.92 0.71 3.55
N15 4BG E . 1.70 0.48 3.03
C16 4BG E . 1.45 0.36 1.71
O17 4BG E . 2.14 0.83 0.82
C18 4BG E . 0.14 -0.37 1.38
N19 4BG E . -0.23 -0.10 -0.02
#